data_4BSH
#
_entry.id   4BSH
#
_cell.length_a   115.897
_cell.length_b   115.897
_cell.length_c   297.497
_cell.angle_alpha   90.00
_cell.angle_beta   90.00
_cell.angle_gamma   120.00
#
_symmetry.space_group_name_H-M   'H 3 2'
#
loop_
_entity.id
_entity.type
_entity.pdbx_description
1 polymer HEMAGGLUTININ
2 polymer HEMAGGLUTININ
3 branched 'N-acetyl-alpha-neuraminic acid-(2-6)-beta-D-galactopyranose'
4 branched 2-acetamido-2-deoxy-beta-D-glucopyranose-(1-4)-2-acetamido-2-deoxy-beta-D-glucopyranose
5 non-polymer 2-acetamido-2-deoxy-beta-D-glucopyranose
6 non-polymer 'SULFATE ION'
7 water water
#
loop_
_entity_poly.entity_id
_entity_poly.type
_entity_poly.pdbx_seq_one_letter_code
_entity_poly.pdbx_strand_id
1 'polypeptide(L)'
;DKICLGHHAVSNGTKVNTLTERGVEVVNATETVERTNVPRICSKGKRTVDLGQCGLLGTITGPPQCDQFLEFSADLIIER
REGSDVCYPGKFVNEEALRQILRESGGIDKETMGFTYSGIRTNGATSACRRSGSSFYAEMKWLLSNTDNAAFPQMTKSYK
NTRKDPALIIWGIHHSGSTTEQTKLYGSGNKLITVGSSNYQQSFVPSPGARPQVNGQSGRIDFHWLMLNPNDTVTFSFNG
AFIAPDRASFLRGKSMGIQSSVQVDANCEGDCYHSGGTIISNLPFQNINSRAVGKCPRYVKQESLMLATGMKNVPEIPKG
R
;
A
2 'polypeptide(L)'
;GLFGAIAGFIENGWEGLIDGWYGFRHQNAQGEGTAADYKSTQSAIDQITGKLNRLIEKTNQQFELIDNEFTEVEKQIGNV
INWTRDSMTEVWSYNAELLVAMENQHTIDLADSEMNKLYERVKRQLRENAEEDGTGCFEIFHKCDDDCMASIRNNTYDHS
RYREEAMQNRIQIDPVK
;
B
#
# COMPACT_ATOMS: atom_id res chain seq x y z
N ASP A 1 49.17 7.70 36.11
CA ASP A 1 48.39 7.62 37.38
C ASP A 1 46.98 7.02 37.19
N LYS A 2 46.30 7.34 36.08
CA LYS A 2 44.94 6.81 35.89
C LYS A 2 44.41 6.78 34.45
N ILE A 3 43.36 5.98 34.26
CA ILE A 3 42.70 5.85 32.97
C ILE A 3 41.19 5.75 33.17
N CYS A 4 40.44 6.44 32.32
CA CYS A 4 39.00 6.57 32.46
C CYS A 4 38.25 6.08 31.22
N LEU A 5 37.21 5.28 31.44
CA LEU A 5 36.34 4.82 30.37
C LEU A 5 35.19 5.80 30.22
N GLY A 6 34.73 5.97 28.98
CA GLY A 6 33.57 6.80 28.71
C GLY A 6 32.93 6.51 27.38
N HIS A 7 31.93 7.31 27.04
CA HIS A 7 31.17 7.17 25.80
C HIS A 7 30.96 8.55 25.18
N HIS A 8 30.56 8.57 23.91
CA HIS A 8 30.35 9.84 23.23
C HIS A 8 29.00 10.45 23.59
N ALA A 9 28.82 11.70 23.20
CA ALA A 9 27.57 12.40 23.37
C ALA A 9 27.54 13.55 22.39
N VAL A 10 26.37 14.18 22.24
CA VAL A 10 26.24 15.33 21.36
C VAL A 10 25.51 16.48 22.03
N SER A 11 25.61 17.65 21.41
CA SER A 11 24.87 18.83 21.84
C SER A 11 23.37 18.63 21.61
N ASN A 12 23.00 18.33 20.37
CA ASN A 12 21.59 18.16 20.00
C ASN A 12 21.20 16.71 19.77
N GLY A 13 20.65 16.06 20.79
CA GLY A 13 20.15 14.70 20.65
C GLY A 13 18.77 14.70 20.01
N THR A 14 18.17 13.51 19.92
CA THR A 14 16.82 13.36 19.37
C THR A 14 15.96 12.63 20.39
N LYS A 15 14.75 13.14 20.62
CA LYS A 15 13.82 12.53 21.55
C LYS A 15 13.14 11.29 20.97
N VAL A 16 13.01 10.27 21.81
CA VAL A 16 12.30 9.04 21.49
C VAL A 16 11.55 8.59 22.73
N ASN A 17 10.59 7.69 22.53
CA ASN A 17 9.80 7.13 23.62
C ASN A 17 10.23 5.70 23.91
N THR A 18 10.08 5.28 25.17
CA THR A 18 10.46 3.94 25.60
C THR A 18 9.29 3.29 26.32
N LEU A 19 9.50 2.11 26.89
CA LEU A 19 8.47 1.46 27.70
C LEU A 19 8.19 2.24 28.98
N THR A 20 9.24 2.81 29.56
CA THR A 20 9.11 3.46 30.85
C THR A 20 9.03 4.98 30.75
N GLU A 21 9.31 5.55 29.58
CA GLU A 21 9.55 7.00 29.52
C GLU A 21 9.25 7.63 28.17
N ARG A 22 8.66 8.83 28.22
CA ARG A 22 8.41 9.63 27.03
C ARG A 22 9.47 10.70 26.89
N GLY A 23 9.98 10.88 25.66
CA GLY A 23 10.91 11.96 25.35
C GLY A 23 12.32 11.81 25.88
N VAL A 24 12.81 10.59 26.04
CA VAL A 24 14.22 10.37 26.34
C VAL A 24 15.07 10.74 25.12
N GLU A 25 16.11 11.54 25.35
CA GLU A 25 16.97 11.99 24.25
C GLU A 25 18.08 10.99 23.99
N VAL A 26 18.26 10.63 22.73
CA VAL A 26 19.32 9.72 22.33
C VAL A 26 20.25 10.37 21.32
N VAL A 27 21.40 9.74 21.09
CA VAL A 27 22.43 10.32 20.25
C VAL A 27 21.94 10.47 18.81
N ASN A 28 21.21 9.46 18.33
CA ASN A 28 20.57 9.54 17.01
C ASN A 28 19.33 8.67 16.96
N ALA A 29 18.46 8.97 16.01
CA ALA A 29 17.23 8.21 15.80
C ALA A 29 16.77 8.37 14.37
N THR A 30 15.82 7.55 13.97
CA THR A 30 15.34 7.52 12.60
C THR A 30 13.83 7.25 12.58
N GLU A 31 13.14 7.84 11.61
CA GLU A 31 11.68 7.75 11.52
C GLU A 31 11.23 6.39 11.00
N THR A 32 10.12 5.87 11.55
CA THR A 32 9.51 4.63 11.06
C THR A 32 8.17 4.85 10.32
N VAL A 33 7.60 6.04 10.45
CA VAL A 33 6.34 6.39 9.82
C VAL A 33 6.54 7.32 8.62
N GLU A 34 6.12 6.86 7.44
CA GLU A 34 6.24 7.67 6.23
C GLU A 34 5.15 8.75 6.14
N ARG A 35 5.58 10.00 5.93
CA ARG A 35 4.70 11.16 5.72
C ARG A 35 4.85 11.83 4.35
N THR A 36 5.87 11.46 3.59
CA THR A 36 6.14 12.09 2.31
C THR A 36 5.40 11.35 1.21
N ASN A 37 4.49 12.05 0.55
CA ASN A 37 3.77 11.58 -0.61
C ASN A 37 4.43 12.12 -1.88
N VAL A 38 4.44 11.32 -2.93
CA VAL A 38 4.75 11.80 -4.26
C VAL A 38 3.41 12.02 -4.97
N PRO A 39 3.11 13.27 -5.37
CA PRO A 39 1.80 13.59 -5.97
C PRO A 39 1.65 13.16 -7.44
N ARG A 40 2.10 11.95 -7.78
CA ARG A 40 1.96 11.41 -9.12
C ARG A 40 1.75 9.91 -9.02
N ILE A 41 1.18 9.32 -10.07
CA ILE A 41 1.09 7.86 -10.17
C ILE A 41 2.39 7.42 -10.81
N CYS A 42 3.26 6.83 -9.99
CA CYS A 42 4.59 6.42 -10.40
C CYS A 42 4.53 5.07 -11.10
N SER A 43 4.57 5.09 -12.43
CA SER A 43 4.22 3.95 -13.24
C SER A 43 5.37 3.42 -14.09
N LYS A 44 6.61 3.80 -13.76
CA LYS A 44 7.79 3.33 -14.46
C LYS A 44 7.79 1.82 -14.59
N GLY A 45 8.02 1.32 -15.81
CA GLY A 45 8.14 -0.10 -16.06
C GLY A 45 6.83 -0.88 -16.07
N LYS A 46 5.69 -0.19 -15.98
CA LYS A 46 4.39 -0.87 -15.94
C LYS A 46 3.50 -0.50 -17.12
N ARG A 47 2.86 -1.49 -17.73
CA ARG A 47 1.85 -1.25 -18.77
C ARG A 47 0.64 -0.60 -18.11
N THR A 48 0.47 0.70 -18.39
CA THR A 48 -0.51 1.53 -17.71
C THR A 48 -1.61 1.99 -18.67
N VAL A 49 -2.84 1.90 -18.20
CA VAL A 49 -3.99 2.39 -18.97
C VAL A 49 -4.70 3.40 -18.11
N ASP A 50 -4.71 4.64 -18.55
CA ASP A 50 -5.40 5.72 -17.86
C ASP A 50 -6.71 5.94 -18.60
N LEU A 51 -7.82 5.53 -17.97
CA LEU A 51 -9.13 5.52 -18.59
C LEU A 51 -9.71 6.91 -18.88
N GLY A 52 -9.23 7.92 -18.18
CA GLY A 52 -9.66 9.30 -18.45
C GLY A 52 -11.18 9.40 -18.41
N GLN A 53 -11.77 9.83 -19.52
CA GLN A 53 -13.23 9.95 -19.62
C GLN A 53 -13.99 8.63 -19.80
N CYS A 54 -13.28 7.54 -20.09
CA CYS A 54 -13.92 6.25 -20.19
C CYS A 54 -14.08 5.65 -18.78
N GLY A 55 -15.30 5.25 -18.45
CA GLY A 55 -15.55 4.53 -17.20
C GLY A 55 -15.17 3.07 -17.39
N LEU A 56 -14.64 2.47 -16.33
CA LEU A 56 -14.20 1.08 -16.41
C LEU A 56 -15.25 0.13 -17.02
N LEU A 57 -16.50 0.25 -16.59
CA LEU A 57 -17.56 -0.66 -17.07
C LEU A 57 -17.93 -0.37 -18.53
N GLY A 58 -17.68 0.86 -18.98
CA GLY A 58 -17.85 1.22 -20.38
C GLY A 58 -16.91 0.53 -21.36
N THR A 59 -15.79 0.01 -20.88
CA THR A 59 -14.88 -0.77 -21.72
C THR A 59 -15.56 -2.04 -22.22
N ILE A 60 -16.57 -2.51 -21.52
CA ILE A 60 -17.32 -3.70 -21.89
C ILE A 60 -18.45 -3.41 -22.90
N THR A 61 -19.13 -2.28 -22.76
CA THR A 61 -20.31 -1.97 -23.58
C THR A 61 -19.95 -1.05 -24.74
N GLY A 62 -19.09 -0.09 -24.48
CA GLY A 62 -18.50 0.74 -25.54
C GLY A 62 -19.24 2.01 -25.91
N PRO A 63 -19.44 2.93 -24.93
CA PRO A 63 -19.91 4.25 -25.31
C PRO A 63 -18.78 4.98 -26.04
N PRO A 64 -19.09 6.07 -26.74
CA PRO A 64 -18.05 6.67 -27.62
C PRO A 64 -16.73 7.02 -26.92
N GLN A 65 -16.82 7.48 -25.68
CA GLN A 65 -15.61 7.83 -24.93
C GLN A 65 -14.72 6.61 -24.58
N CYS A 66 -15.25 5.40 -24.74
CA CYS A 66 -14.48 4.18 -24.48
C CYS A 66 -14.04 3.47 -25.76
N ASP A 67 -14.22 4.11 -26.92
CA ASP A 67 -13.88 3.51 -28.20
C ASP A 67 -12.43 3.02 -28.30
N GLN A 68 -11.51 3.67 -27.60
CA GLN A 68 -10.10 3.29 -27.63
C GLN A 68 -9.71 2.29 -26.54
N PHE A 69 -10.69 1.80 -25.79
CA PHE A 69 -10.42 0.94 -24.63
C PHE A 69 -11.21 -0.37 -24.68
N LEU A 70 -11.70 -0.73 -25.86
CA LEU A 70 -12.52 -1.92 -25.98
C LEU A 70 -11.71 -3.22 -25.81
N GLU A 71 -10.41 -3.17 -26.03
CA GLU A 71 -9.58 -4.37 -25.98
C GLU A 71 -8.23 -4.14 -25.34
N PHE A 72 -8.21 -3.32 -24.31
CA PHE A 72 -6.96 -2.89 -23.73
C PHE A 72 -6.25 -4.01 -22.97
N SER A 73 -5.00 -3.74 -22.64
CA SER A 73 -4.11 -4.69 -22.01
C SER A 73 -3.30 -3.89 -21.01
N ALA A 74 -3.17 -4.40 -19.77
CA ALA A 74 -2.62 -3.58 -18.66
C ALA A 74 -2.10 -4.35 -17.44
N ASP A 75 -1.07 -3.77 -16.80
CA ASP A 75 -0.64 -4.15 -15.45
C ASP A 75 -1.33 -3.25 -14.41
N LEU A 76 -1.54 -2.00 -14.79
CA LEU A 76 -2.07 -0.98 -13.90
C LEU A 76 -3.18 -0.24 -14.63
N ILE A 77 -4.36 -0.21 -14.02
CA ILE A 77 -5.52 0.44 -14.60
C ILE A 77 -5.92 1.64 -13.74
N ILE A 78 -5.99 2.83 -14.32
CA ILE A 78 -6.34 4.04 -13.58
C ILE A 78 -7.73 4.57 -13.92
N GLU A 79 -8.63 4.58 -12.93
CA GLU A 79 -9.95 5.20 -13.07
C GLU A 79 -9.87 6.67 -12.65
N ARG A 80 -10.64 7.52 -13.32
CA ARG A 80 -10.68 8.96 -13.04
C ARG A 80 -12.09 9.40 -12.67
N ARG A 81 -12.21 10.46 -11.89
CA ARG A 81 -13.52 10.96 -11.45
C ARG A 81 -14.44 11.34 -12.64
N GLU A 82 -13.85 11.89 -13.71
CA GLU A 82 -14.61 12.24 -14.91
C GLU A 82 -15.05 11.03 -15.76
N GLY A 83 -14.62 9.83 -15.40
CA GLY A 83 -14.99 8.65 -16.19
C GLY A 83 -16.49 8.39 -16.16
N SER A 84 -17.07 8.05 -17.30
CA SER A 84 -18.47 7.66 -17.35
C SER A 84 -18.60 6.34 -18.13
N ASP A 85 -19.40 5.42 -17.58
CA ASP A 85 -19.66 4.11 -18.19
C ASP A 85 -20.75 4.14 -19.27
N VAL A 86 -21.47 5.26 -19.39
CA VAL A 86 -22.67 5.28 -20.24
C VAL A 86 -22.67 6.45 -21.22
N CYS A 87 -23.46 6.28 -22.28
CA CYS A 87 -23.81 7.39 -23.14
C CYS A 87 -25.31 7.55 -23.00
N TYR A 88 -26.06 6.53 -23.43
CA TYR A 88 -27.49 6.49 -23.14
C TYR A 88 -27.66 6.07 -21.68
N PRO A 89 -28.38 6.88 -20.87
CA PRO A 89 -28.36 6.73 -19.41
C PRO A 89 -28.84 5.37 -18.94
N GLY A 90 -28.27 4.88 -17.84
CA GLY A 90 -28.53 3.55 -17.34
C GLY A 90 -27.48 3.18 -16.32
N LYS A 91 -27.51 1.95 -15.82
CA LYS A 91 -26.44 1.47 -14.95
C LYS A 91 -26.39 -0.05 -14.90
N PHE A 92 -25.29 -0.58 -14.36
CA PHE A 92 -25.15 -2.02 -14.18
C PHE A 92 -25.66 -2.49 -12.83
N VAL A 93 -26.32 -3.63 -12.82
CA VAL A 93 -26.58 -4.37 -11.60
C VAL A 93 -25.28 -5.08 -11.17
N ASN A 94 -25.05 -5.19 -9.86
CA ASN A 94 -23.80 -5.72 -9.31
C ASN A 94 -22.61 -4.99 -9.92
N GLU A 95 -22.67 -3.66 -9.87
CA GLU A 95 -21.72 -2.84 -10.60
C GLU A 95 -20.33 -2.89 -9.98
N GLU A 96 -20.24 -2.84 -8.66
CA GLU A 96 -18.93 -2.77 -8.01
C GLU A 96 -18.20 -4.09 -8.10
N ALA A 97 -18.93 -5.20 -8.00
CA ALA A 97 -18.36 -6.53 -8.26
C ALA A 97 -17.72 -6.61 -9.64
N LEU A 98 -18.42 -6.10 -10.65
CA LEU A 98 -17.89 -6.12 -12.00
C LEU A 98 -16.65 -5.24 -12.12
N ARG A 99 -16.65 -4.07 -11.47
CA ARG A 99 -15.44 -3.21 -11.47
C ARG A 99 -14.24 -3.93 -10.83
N GLN A 100 -14.49 -4.64 -9.74
CA GLN A 100 -13.43 -5.36 -9.06
C GLN A 100 -12.87 -6.46 -9.97
N ILE A 101 -13.74 -7.09 -10.76
CA ILE A 101 -13.32 -8.13 -11.69
C ILE A 101 -12.44 -7.51 -12.77
N LEU A 102 -12.89 -6.40 -13.33
CA LEU A 102 -12.16 -5.73 -14.42
C LEU A 102 -10.85 -5.10 -13.98
N ARG A 103 -10.79 -4.58 -12.76
CA ARG A 103 -9.56 -3.98 -12.20
C ARG A 103 -8.39 -4.95 -12.11
N GLU A 104 -8.66 -6.22 -11.79
CA GLU A 104 -7.60 -7.22 -11.69
C GLU A 104 -7.50 -8.11 -12.92
N SER A 105 -8.18 -7.73 -14.00
CA SER A 105 -8.34 -8.55 -15.19
C SER A 105 -7.11 -8.66 -16.10
N GLY A 106 -6.20 -7.70 -15.99
CA GLY A 106 -5.12 -7.58 -16.98
C GLY A 106 -5.57 -6.91 -18.26
N GLY A 107 -6.82 -6.48 -18.30
CA GLY A 107 -7.44 -6.01 -19.52
C GLY A 107 -8.37 -7.04 -20.14
N ILE A 108 -8.89 -6.71 -21.32
CA ILE A 108 -9.91 -7.54 -21.96
C ILE A 108 -9.66 -7.77 -23.44
N ASP A 109 -10.09 -8.94 -23.89
CA ASP A 109 -10.06 -9.36 -25.27
C ASP A 109 -11.52 -9.58 -25.65
N LYS A 110 -11.92 -9.18 -26.86
CA LYS A 110 -13.32 -9.29 -27.29
C LYS A 110 -13.49 -10.30 -28.41
N GLU A 111 -14.61 -11.02 -28.39
CA GLU A 111 -14.91 -11.97 -29.45
C GLU A 111 -16.40 -11.96 -29.75
N THR A 112 -16.74 -12.10 -31.03
CA THR A 112 -18.14 -12.08 -31.45
C THR A 112 -18.96 -13.18 -30.78
N MET A 113 -20.24 -12.87 -30.55
CA MET A 113 -21.19 -13.82 -29.97
C MET A 113 -21.78 -14.71 -31.06
N GLY A 114 -21.59 -14.31 -32.31
CA GLY A 114 -22.11 -15.06 -33.45
C GLY A 114 -23.61 -14.95 -33.64
N PHE A 115 -24.25 -13.97 -33.00
CA PHE A 115 -25.68 -13.75 -33.15
C PHE A 115 -26.03 -13.10 -34.48
N THR A 116 -26.99 -13.69 -35.19
CA THR A 116 -27.59 -13.10 -36.39
C THR A 116 -29.10 -13.00 -36.20
N TYR A 117 -29.73 -12.09 -36.93
CA TYR A 117 -31.15 -11.78 -36.69
C TYR A 117 -31.96 -11.70 -37.98
N SER A 118 -33.21 -12.15 -37.91
CA SER A 118 -34.19 -11.91 -38.96
C SER A 118 -35.53 -11.54 -38.34
N GLY A 119 -36.33 -10.77 -39.09
CA GLY A 119 -37.67 -10.38 -38.64
C GLY A 119 -37.70 -9.18 -37.71
N ILE A 120 -36.56 -8.51 -37.53
CA ILE A 120 -36.47 -7.36 -36.62
C ILE A 120 -35.42 -6.36 -37.11
N ARG A 121 -35.48 -5.12 -36.61
CA ARG A 121 -34.42 -4.15 -36.85
C ARG A 121 -33.31 -4.33 -35.82
N THR A 122 -32.11 -3.90 -36.17
CA THR A 122 -30.91 -4.25 -35.43
C THR A 122 -30.03 -3.04 -35.08
N ASN A 123 -30.41 -1.86 -35.61
CA ASN A 123 -29.55 -0.68 -35.61
C ASN A 123 -30.12 0.53 -34.85
N GLY A 124 -30.77 0.28 -33.71
CA GLY A 124 -31.27 1.37 -32.89
C GLY A 124 -30.13 2.32 -32.52
N ALA A 125 -30.41 3.62 -32.63
CA ALA A 125 -29.43 4.66 -32.32
C ALA A 125 -30.05 5.78 -31.48
N THR A 126 -29.21 6.69 -31.00
CA THR A 126 -29.66 7.79 -30.16
C THR A 126 -28.68 8.96 -30.20
N SER A 127 -29.22 10.17 -30.01
CA SER A 127 -28.41 11.38 -29.92
C SER A 127 -27.55 11.45 -28.66
N ALA A 128 -27.84 10.60 -27.67
CA ALA A 128 -27.03 10.53 -26.47
C ALA A 128 -25.67 9.85 -26.71
N CYS A 129 -25.54 9.06 -27.77
CA CYS A 129 -24.27 8.38 -28.10
C CYS A 129 -23.76 8.91 -29.45
N ARG A 130 -22.88 9.90 -29.38
CA ARG A 130 -22.43 10.65 -30.56
C ARG A 130 -21.17 10.06 -31.21
N ARG A 131 -21.28 9.71 -32.49
CA ARG A 131 -20.13 9.37 -33.33
C ARG A 131 -20.37 9.99 -34.69
N SER A 132 -20.16 11.31 -34.80
CA SER A 132 -20.49 12.04 -36.01
C SER A 132 -21.89 11.64 -36.48
N GLY A 133 -22.89 11.99 -35.67
CA GLY A 133 -24.27 11.54 -35.87
C GLY A 133 -24.63 10.58 -34.74
N SER A 134 -25.91 10.19 -34.71
CA SER A 134 -26.41 9.32 -33.66
C SER A 134 -25.87 7.92 -33.82
N SER A 135 -25.60 7.28 -32.70
CA SER A 135 -25.01 5.94 -32.70
C SER A 135 -25.45 5.20 -31.43
N PHE A 136 -24.69 4.18 -31.05
CA PHE A 136 -25.04 3.36 -29.91
C PHE A 136 -23.79 2.72 -29.30
N TYR A 137 -23.96 2.04 -28.18
CA TYR A 137 -22.89 1.25 -27.60
C TYR A 137 -22.23 0.32 -28.64
N ALA A 138 -20.93 0.48 -28.82
CA ALA A 138 -20.17 -0.22 -29.86
C ALA A 138 -20.30 -1.74 -29.76
N GLU A 139 -20.40 -2.27 -28.54
CA GLU A 139 -20.42 -3.71 -28.31
C GLU A 139 -21.82 -4.31 -28.22
N MET A 140 -22.84 -3.49 -28.42
CA MET A 140 -24.22 -3.93 -28.20
C MET A 140 -25.04 -3.64 -29.45
N LYS A 141 -26.20 -4.26 -29.52
CA LYS A 141 -27.17 -3.94 -30.57
C LYS A 141 -28.57 -3.69 -30.00
N TRP A 142 -29.12 -2.54 -30.36
CA TRP A 142 -30.46 -2.16 -29.95
C TRP A 142 -31.45 -2.84 -30.89
N LEU A 143 -32.07 -3.92 -30.41
CA LEU A 143 -33.00 -4.73 -31.21
C LEU A 143 -34.43 -4.20 -31.12
N LEU A 144 -35.02 -4.00 -32.29
CA LEU A 144 -36.26 -3.24 -32.43
C LEU A 144 -37.21 -4.00 -33.35
N SER A 145 -38.51 -3.72 -33.26
CA SER A 145 -39.48 -4.24 -34.24
C SER A 145 -39.20 -3.64 -35.63
N ASN A 146 -39.51 -4.38 -36.68
CA ASN A 146 -39.22 -3.92 -38.05
C ASN A 146 -39.82 -2.56 -38.38
N THR A 147 -40.96 -2.25 -37.79
CA THR A 147 -41.61 -0.97 -38.00
C THR A 147 -42.38 -0.54 -36.76
N ASP A 148 -42.68 0.75 -36.67
CA ASP A 148 -43.47 1.31 -35.56
C ASP A 148 -44.64 0.42 -35.16
N ASN A 149 -44.70 0.08 -33.87
CA ASN A 149 -45.83 -0.63 -33.27
C ASN A 149 -45.96 -2.12 -33.60
N ALA A 150 -45.08 -2.64 -34.45
CA ALA A 150 -45.15 -4.04 -34.82
C ALA A 150 -44.73 -4.94 -33.64
N ALA A 151 -45.38 -6.10 -33.54
CA ALA A 151 -45.06 -7.06 -32.49
C ALA A 151 -43.64 -7.62 -32.68
N PHE A 152 -42.88 -7.64 -31.60
CA PHE A 152 -41.56 -8.22 -31.59
C PHE A 152 -41.72 -9.73 -31.41
N PRO A 153 -41.16 -10.53 -32.34
CA PRO A 153 -41.36 -11.99 -32.26
C PRO A 153 -40.64 -12.61 -31.07
N GLN A 154 -41.26 -13.61 -30.43
CA GLN A 154 -40.58 -14.33 -29.34
C GLN A 154 -39.32 -14.96 -29.89
N MET A 155 -38.17 -14.58 -29.34
CA MET A 155 -36.87 -14.97 -29.88
C MET A 155 -36.04 -15.76 -28.88
N THR A 156 -35.17 -16.59 -29.43
CA THR A 156 -34.20 -17.34 -28.64
C THR A 156 -32.83 -17.26 -29.32
N LYS A 157 -31.81 -16.92 -28.55
CA LYS A 157 -30.44 -16.88 -29.02
C LYS A 157 -29.55 -17.51 -27.96
N SER A 158 -28.62 -18.34 -28.40
CA SER A 158 -27.72 -19.04 -27.49
C SER A 158 -26.27 -18.90 -27.91
N TYR A 159 -25.39 -18.86 -26.92
CA TYR A 159 -23.96 -18.77 -27.17
C TYR A 159 -23.24 -19.73 -26.25
N LYS A 160 -22.32 -20.50 -26.83
CA LYS A 160 -21.54 -21.49 -26.11
C LYS A 160 -20.10 -21.02 -26.00
N ASN A 161 -19.63 -20.86 -24.76
CA ASN A 161 -18.23 -20.52 -24.53
C ASN A 161 -17.34 -21.72 -24.85
N THR A 162 -16.73 -21.70 -26.03
CA THR A 162 -15.80 -22.77 -26.44
C THR A 162 -14.34 -22.52 -25.99
N ARG A 163 -14.11 -21.55 -25.12
CA ARG A 163 -12.76 -21.20 -24.69
C ARG A 163 -12.38 -21.80 -23.34
N LYS A 164 -11.10 -21.72 -23.01
CA LYS A 164 -10.58 -22.31 -21.78
C LYS A 164 -10.92 -21.49 -20.55
N ASP A 165 -11.20 -20.21 -20.73
CA ASP A 165 -11.49 -19.31 -19.62
C ASP A 165 -12.94 -18.85 -19.64
N PRO A 166 -13.48 -18.46 -18.47
CA PRO A 166 -14.86 -17.97 -18.40
C PRO A 166 -15.10 -16.73 -19.26
N ALA A 167 -16.29 -16.62 -19.83
CA ALA A 167 -16.66 -15.50 -20.69
C ALA A 167 -17.54 -14.50 -19.93
N LEU A 168 -17.20 -13.22 -20.00
CA LEU A 168 -18.05 -12.16 -19.45
C LEU A 168 -19.10 -11.76 -20.50
N ILE A 169 -20.36 -11.99 -20.16
CA ILE A 169 -21.48 -11.73 -21.05
C ILE A 169 -22.31 -10.60 -20.45
N ILE A 170 -22.71 -9.65 -21.29
CA ILE A 170 -23.49 -8.52 -20.84
C ILE A 170 -24.70 -8.35 -21.75
N TRP A 171 -25.82 -7.93 -21.16
CA TRP A 171 -26.98 -7.57 -21.94
C TRP A 171 -27.65 -6.38 -21.28
N GLY A 172 -28.68 -5.85 -21.93
CA GLY A 172 -29.37 -4.70 -21.40
C GLY A 172 -30.87 -4.81 -21.54
N ILE A 173 -31.59 -4.24 -20.59
CA ILE A 173 -33.03 -4.13 -20.65
C ILE A 173 -33.35 -2.66 -20.85
N HIS A 174 -34.17 -2.34 -21.85
CA HIS A 174 -34.48 -0.95 -22.13
C HIS A 174 -35.83 -0.56 -21.50
N HIS A 175 -35.80 0.45 -20.64
CA HIS A 175 -37.02 1.03 -20.07
C HIS A 175 -37.30 2.33 -20.77
N SER A 176 -38.31 2.36 -21.64
CA SER A 176 -38.70 3.57 -22.33
C SER A 176 -39.24 4.59 -21.33
N GLY A 177 -39.27 5.85 -21.74
CA GLY A 177 -39.84 6.92 -20.92
C GLY A 177 -41.36 6.88 -20.80
N SER A 178 -42.01 5.97 -21.53
CA SER A 178 -43.47 5.84 -21.46
C SER A 178 -43.94 4.51 -22.07
N THR A 179 -45.17 4.12 -21.73
CA THR A 179 -45.73 2.87 -22.23
C THR A 179 -45.98 2.95 -23.73
N THR A 180 -46.40 4.12 -24.21
CA THR A 180 -46.65 4.30 -25.64
C THR A 180 -45.35 4.13 -26.40
N GLU A 181 -44.29 4.72 -25.86
CA GLU A 181 -42.97 4.62 -26.47
C GLU A 181 -42.45 3.18 -26.52
N GLN A 182 -42.73 2.40 -25.48
CA GLN A 182 -42.37 0.97 -25.48
C GLN A 182 -43.10 0.21 -26.57
N THR A 183 -44.40 0.47 -26.72
CA THR A 183 -45.20 -0.25 -27.72
C THR A 183 -44.74 0.12 -29.13
N LYS A 184 -44.53 1.41 -29.36
CA LYS A 184 -43.97 1.89 -30.63
C LYS A 184 -42.67 1.16 -31.04
N LEU A 185 -41.77 0.93 -30.09
CA LEU A 185 -40.50 0.27 -30.37
C LEU A 185 -40.60 -1.25 -30.50
N TYR A 186 -41.39 -1.90 -29.63
CA TYR A 186 -41.41 -3.37 -29.55
C TYR A 186 -42.81 -4.02 -29.58
N GLY A 187 -43.84 -3.25 -29.95
CA GLY A 187 -45.22 -3.75 -29.93
C GLY A 187 -45.81 -3.83 -28.54
N SER A 188 -47.14 -3.93 -28.44
CA SER A 188 -47.82 -3.91 -27.14
C SER A 188 -47.69 -5.24 -26.40
N GLY A 189 -48.14 -5.27 -25.15
CA GLY A 189 -48.04 -6.45 -24.29
C GLY A 189 -46.96 -6.26 -23.24
N ASN A 190 -46.99 -7.09 -22.20
CA ASN A 190 -45.96 -7.05 -21.14
C ASN A 190 -44.79 -7.98 -21.50
N LYS A 191 -43.71 -7.39 -22.01
CA LYS A 191 -42.63 -8.17 -22.62
C LYS A 191 -41.87 -8.91 -21.52
N LEU A 192 -41.22 -10.00 -21.90
CA LEU A 192 -40.42 -10.80 -20.96
C LEU A 192 -39.04 -11.11 -21.56
N ILE A 193 -37.99 -10.99 -20.73
CA ILE A 193 -36.65 -11.41 -21.11
C ILE A 193 -36.17 -12.46 -20.12
N THR A 194 -35.85 -13.65 -20.63
CA THR A 194 -35.32 -14.74 -19.82
C THR A 194 -33.86 -15.00 -20.18
N VAL A 195 -33.05 -15.27 -19.16
CA VAL A 195 -31.64 -15.58 -19.31
C VAL A 195 -31.26 -16.71 -18.36
N GLY A 196 -30.66 -17.77 -18.91
CA GLY A 196 -30.18 -18.88 -18.09
C GLY A 196 -28.90 -19.50 -18.64
N SER A 197 -28.04 -19.94 -17.72
CA SER A 197 -26.94 -20.84 -18.03
C SER A 197 -27.09 -22.12 -17.19
N SER A 198 -26.03 -22.90 -17.03
CA SER A 198 -26.06 -24.09 -16.16
C SER A 198 -25.86 -23.78 -14.67
N ASN A 199 -25.45 -22.56 -14.34
CA ASN A 199 -25.32 -22.16 -12.94
C ASN A 199 -25.94 -20.79 -12.64
N TYR A 200 -26.80 -20.30 -13.54
CA TYR A 200 -27.38 -18.98 -13.43
C TYR A 200 -28.79 -19.03 -14.01
N GLN A 201 -29.75 -18.41 -13.32
CA GLN A 201 -31.12 -18.33 -13.80
C GLN A 201 -31.79 -17.05 -13.27
N GLN A 202 -32.39 -16.30 -14.19
CA GLN A 202 -33.07 -15.03 -13.85
C GLN A 202 -33.95 -14.57 -15.00
N SER A 203 -34.90 -13.71 -14.68
CA SER A 203 -35.83 -13.16 -15.66
C SER A 203 -36.03 -11.67 -15.44
N PHE A 204 -36.54 -11.00 -16.47
CA PHE A 204 -36.67 -9.55 -16.46
C PHE A 204 -37.88 -9.14 -17.26
N VAL A 205 -38.69 -8.27 -16.67
CA VAL A 205 -39.82 -7.65 -17.32
C VAL A 205 -39.50 -6.16 -17.26
N PRO A 206 -39.59 -5.43 -18.39
CA PRO A 206 -39.25 -4.02 -18.35
C PRO A 206 -40.25 -3.21 -17.53
N SER A 207 -40.06 -1.90 -17.48
CA SER A 207 -40.91 -1.01 -16.71
C SER A 207 -40.83 0.41 -17.27
N PRO A 208 -41.61 0.69 -18.33
CA PRO A 208 -41.61 2.05 -18.86
C PRO A 208 -42.24 3.06 -17.87
N GLY A 209 -41.89 4.34 -18.04
CA GLY A 209 -42.27 5.39 -17.09
C GLY A 209 -41.34 6.57 -17.18
N ALA A 210 -41.80 7.74 -16.76
CA ALA A 210 -41.03 8.98 -16.93
C ALA A 210 -39.93 9.14 -15.88
N ARG A 211 -38.66 9.06 -16.30
CA ARG A 211 -37.53 9.46 -15.44
C ARG A 211 -37.11 10.91 -15.76
N PRO A 212 -36.27 11.52 -14.89
CA PRO A 212 -35.77 12.83 -15.26
C PRO A 212 -34.73 12.69 -16.37
N GLN A 213 -34.66 13.68 -17.25
CA GLN A 213 -33.80 13.59 -18.41
C GLN A 213 -32.33 13.59 -18.01
N VAL A 214 -31.60 12.57 -18.46
CA VAL A 214 -30.15 12.47 -18.32
C VAL A 214 -29.56 12.27 -19.72
N ASN A 215 -28.53 13.05 -20.04
CA ASN A 215 -28.00 13.13 -21.41
C ASN A 215 -29.12 13.26 -22.43
N GLY A 216 -30.13 14.07 -22.10
CA GLY A 216 -31.28 14.33 -22.98
C GLY A 216 -32.34 13.24 -23.08
N GLN A 217 -32.23 12.18 -22.27
CA GLN A 217 -33.12 11.02 -22.37
C GLN A 217 -33.88 10.74 -21.06
N SER A 218 -35.18 10.45 -21.16
CA SER A 218 -35.98 10.04 -20.02
C SER A 218 -36.07 8.51 -19.90
N GLY A 219 -35.53 7.80 -20.87
CA GLY A 219 -35.45 6.35 -20.81
C GLY A 219 -34.22 5.93 -20.03
N ARG A 220 -34.14 4.65 -19.69
CA ARG A 220 -32.94 4.07 -19.10
C ARG A 220 -32.67 2.70 -19.70
N ILE A 221 -31.42 2.25 -19.62
CA ILE A 221 -31.07 0.86 -19.90
C ILE A 221 -30.52 0.18 -18.64
N ASP A 222 -31.15 -0.92 -18.22
CA ASP A 222 -30.55 -1.80 -17.22
C ASP A 222 -29.52 -2.70 -17.89
N PHE A 223 -28.24 -2.56 -17.55
CA PHE A 223 -27.21 -3.51 -17.96
C PHE A 223 -27.03 -4.60 -16.92
N HIS A 224 -26.96 -5.85 -17.38
CA HIS A 224 -26.75 -7.03 -16.53
C HIS A 224 -25.58 -7.86 -17.07
N TRP A 225 -24.97 -8.68 -16.20
CA TRP A 225 -23.86 -9.52 -16.62
C TRP A 225 -23.82 -10.90 -15.96
N LEU A 226 -23.02 -11.79 -16.54
CA LEU A 226 -22.70 -13.10 -15.94
C LEU A 226 -21.41 -13.67 -16.51
N MET A 227 -20.73 -14.50 -15.72
CA MET A 227 -19.54 -15.21 -16.16
C MET A 227 -19.97 -16.57 -16.67
N LEU A 228 -19.73 -16.82 -17.95
CA LEU A 228 -20.13 -18.08 -18.58
C LEU A 228 -18.92 -19.00 -18.61
N ASN A 229 -19.01 -20.11 -17.88
CA ASN A 229 -17.91 -21.05 -17.74
C ASN A 229 -17.61 -21.79 -19.04
N PRO A 230 -16.35 -22.24 -19.22
CA PRO A 230 -15.92 -23.05 -20.36
C PRO A 230 -16.88 -24.20 -20.66
N ASN A 231 -17.32 -24.29 -21.91
CA ASN A 231 -18.28 -25.31 -22.37
C ASN A 231 -19.73 -25.09 -21.93
N ASP A 232 -19.98 -24.08 -21.11
CA ASP A 232 -21.35 -23.75 -20.69
C ASP A 232 -22.04 -22.96 -21.79
N THR A 233 -23.36 -23.04 -21.84
CA THR A 233 -24.15 -22.30 -22.82
C THR A 233 -25.09 -21.32 -22.11
N VAL A 234 -25.21 -20.11 -22.66
CA VAL A 234 -26.19 -19.13 -22.19
C VAL A 234 -27.27 -18.97 -23.26
N THR A 235 -28.53 -18.92 -22.82
CA THR A 235 -29.66 -18.73 -23.72
C THR A 235 -30.48 -17.48 -23.34
N PHE A 236 -30.74 -16.65 -24.34
CA PHE A 236 -31.56 -15.45 -24.18
C PHE A 236 -32.89 -15.66 -24.88
N SER A 237 -33.97 -15.75 -24.10
CA SER A 237 -35.32 -15.75 -24.65
C SER A 237 -35.98 -14.41 -24.33
N PHE A 238 -36.37 -13.67 -25.36
CA PHE A 238 -36.82 -12.30 -25.18
C PHE A 238 -37.89 -11.86 -26.15
N ASN A 239 -38.70 -10.92 -25.70
CA ASN A 239 -39.91 -10.49 -26.41
C ASN A 239 -39.88 -9.01 -26.78
N GLY A 240 -38.72 -8.38 -26.63
CA GLY A 240 -38.55 -6.95 -26.83
C GLY A 240 -37.84 -6.32 -25.66
N ALA A 241 -37.58 -5.01 -25.75
CA ALA A 241 -36.93 -4.24 -24.71
C ALA A 241 -35.53 -4.76 -24.36
N PHE A 242 -34.90 -5.44 -25.31
CA PHE A 242 -33.67 -6.18 -25.04
C PHE A 242 -32.50 -5.58 -25.82
N ILE A 243 -31.42 -5.26 -25.11
CA ILE A 243 -30.20 -4.77 -25.73
C ILE A 243 -29.21 -5.93 -25.82
N ALA A 244 -28.99 -6.42 -27.03
CA ALA A 244 -28.25 -7.66 -27.24
C ALA A 244 -26.75 -7.47 -27.22
N PRO A 245 -26.02 -8.40 -26.59
CA PRO A 245 -24.57 -8.31 -26.72
C PRO A 245 -24.14 -8.68 -28.12
N ASP A 246 -23.23 -7.90 -28.67
CA ASP A 246 -22.60 -8.24 -29.95
C ASP A 246 -21.34 -9.07 -29.72
N ARG A 247 -20.63 -8.83 -28.62
CA ARG A 247 -19.40 -9.54 -28.33
C ARG A 247 -19.28 -9.94 -26.86
N ALA A 248 -18.60 -11.06 -26.63
CA ALA A 248 -18.21 -11.50 -25.30
C ALA A 248 -16.83 -10.96 -24.97
N SER A 249 -16.56 -10.82 -23.68
CA SER A 249 -15.27 -10.35 -23.18
C SER A 249 -14.53 -11.46 -22.46
N PHE A 250 -13.22 -11.52 -22.64
CA PHE A 250 -12.36 -12.45 -21.89
C PHE A 250 -11.25 -11.68 -21.16
N LEU A 251 -10.94 -12.14 -19.95
CA LEU A 251 -9.90 -11.50 -19.13
C LEU A 251 -8.53 -11.95 -19.61
N ARG A 252 -7.58 -11.03 -19.64
CA ARG A 252 -6.27 -11.30 -20.21
C ARG A 252 -5.27 -11.92 -19.24
N GLY A 253 -5.38 -11.60 -17.96
CA GLY A 253 -4.41 -12.09 -16.97
C GLY A 253 -4.56 -11.40 -15.61
N LYS A 254 -3.52 -10.69 -15.19
CA LYS A 254 -3.50 -10.02 -13.89
C LYS A 254 -3.19 -8.53 -14.00
N SER A 255 -3.85 -7.73 -13.17
CA SER A 255 -3.56 -6.32 -13.08
C SER A 255 -3.98 -5.81 -11.73
N MET A 256 -3.71 -4.54 -11.49
CA MET A 256 -4.12 -3.85 -10.29
C MET A 256 -4.85 -2.62 -10.78
N GLY A 257 -5.97 -2.30 -10.12
CA GLY A 257 -6.78 -1.14 -10.48
C GLY A 257 -6.73 -0.07 -9.41
N ILE A 258 -6.56 1.19 -9.79
CA ILE A 258 -6.56 2.30 -8.84
C ILE A 258 -7.46 3.45 -9.25
N GLN A 259 -7.81 4.29 -8.28
CA GLN A 259 -8.54 5.54 -8.51
C GLN A 259 -7.64 6.69 -8.12
N SER A 260 -7.55 7.69 -8.98
CA SER A 260 -6.61 8.79 -8.72
C SER A 260 -6.99 10.10 -9.38
N SER A 261 -6.46 11.18 -8.81
CA SER A 261 -6.66 12.52 -9.36
C SER A 261 -5.36 13.16 -9.85
N VAL A 262 -4.28 12.38 -9.93
CA VAL A 262 -2.99 12.96 -10.28
C VAL A 262 -2.42 12.30 -11.53
N GLN A 263 -1.41 12.96 -12.08
CA GLN A 263 -0.85 12.57 -13.35
C GLN A 263 0.05 11.35 -13.23
N VAL A 264 0.13 10.62 -14.34
CA VAL A 264 1.02 9.49 -14.47
C VAL A 264 2.46 10.00 -14.65
N ASP A 265 3.42 9.28 -14.09
CA ASP A 265 4.83 9.65 -14.20
C ASP A 265 5.68 8.40 -14.42
N ALA A 266 6.34 8.32 -15.57
CA ALA A 266 7.13 7.14 -15.92
C ALA A 266 8.60 7.29 -15.50
N ASN A 267 8.88 8.29 -14.68
CA ASN A 267 10.21 8.59 -14.19
C ASN A 267 10.43 8.05 -12.77
N CYS A 268 9.36 7.67 -12.09
CA CYS A 268 9.46 7.11 -10.75
C CYS A 268 8.73 5.76 -10.71
N GLU A 269 9.23 4.87 -9.86
CA GLU A 269 8.61 3.56 -9.68
C GLU A 269 8.08 3.47 -8.26
N GLY A 270 6.93 2.85 -8.12
CA GLY A 270 6.33 2.63 -6.81
C GLY A 270 5.23 1.60 -6.92
N ASP A 271 4.92 0.95 -5.80
CA ASP A 271 3.92 -0.11 -5.75
C ASP A 271 2.79 0.17 -4.76
N CYS A 272 2.83 1.31 -4.10
CA CYS A 272 1.79 1.70 -3.17
C CYS A 272 1.14 2.98 -3.67
N TYR A 273 -0.14 2.87 -4.06
CA TYR A 273 -0.87 3.97 -4.68
C TYR A 273 -2.11 4.38 -3.88
N HIS A 274 -2.46 5.66 -3.98
CA HIS A 274 -3.72 6.18 -3.46
C HIS A 274 -4.18 7.33 -4.36
N SER A 275 -5.32 7.93 -4.07
CA SER A 275 -5.89 8.94 -4.98
C SER A 275 -4.98 10.16 -5.16
N GLY A 276 -4.25 10.49 -4.11
CA GLY A 276 -3.31 11.60 -4.13
C GLY A 276 -1.94 11.25 -4.69
N GLY A 277 -1.70 10.00 -5.07
CA GLY A 277 -0.41 9.63 -5.64
C GLY A 277 0.20 8.32 -5.20
N THR A 278 1.51 8.36 -5.00
CA THR A 278 2.32 7.17 -4.75
C THR A 278 3.11 7.33 -3.45
N ILE A 279 3.09 6.29 -2.62
CA ILE A 279 3.91 6.29 -1.43
C ILE A 279 5.14 5.45 -1.73
N ILE A 280 6.28 6.10 -1.85
CA ILE A 280 7.55 5.43 -2.12
C ILE A 280 8.35 5.41 -0.83
N SER A 281 8.61 4.23 -0.30
CA SER A 281 9.18 4.14 1.03
C SER A 281 9.58 2.71 1.33
N ASN A 282 10.61 2.56 2.15
CA ASN A 282 10.96 1.28 2.75
C ASN A 282 10.48 1.18 4.20
N LEU A 283 9.88 2.25 4.73
CA LEU A 283 9.51 2.27 6.14
C LEU A 283 8.30 1.36 6.38
N PRO A 284 8.20 0.79 7.58
CA PRO A 284 7.13 -0.20 7.77
C PRO A 284 5.73 0.42 7.92
N PHE A 285 5.66 1.70 8.26
CA PHE A 285 4.40 2.37 8.52
C PHE A 285 4.27 3.67 7.73
N GLN A 286 3.02 4.08 7.51
CA GLN A 286 2.71 5.31 6.81
C GLN A 286 1.50 5.97 7.43
N ASN A 287 1.48 7.31 7.42
CA ASN A 287 0.37 8.10 7.96
C ASN A 287 -0.28 8.97 6.86
N ILE A 288 -0.19 8.53 5.61
CA ILE A 288 -0.61 9.34 4.47
C ILE A 288 -2.07 9.06 4.04
N ASN A 289 -2.43 7.80 3.86
CA ASN A 289 -3.76 7.43 3.37
C ASN A 289 -4.10 6.00 3.74
N SER A 290 -5.14 5.85 4.53
CA SER A 290 -5.53 4.55 5.05
C SER A 290 -6.14 3.66 3.97
N ARG A 291 -6.50 4.23 2.81
CA ARG A 291 -7.05 3.46 1.72
C ARG A 291 -6.03 3.20 0.59
N ALA A 292 -4.75 3.43 0.86
CA ALA A 292 -3.69 3.10 -0.08
C ALA A 292 -3.76 1.64 -0.51
N VAL A 293 -3.44 1.36 -1.76
CA VAL A 293 -3.49 -0.03 -2.24
C VAL A 293 -2.21 -0.39 -2.97
N GLY A 294 -2.02 -1.70 -3.14
CA GLY A 294 -0.81 -2.25 -3.75
C GLY A 294 -0.01 -2.91 -2.66
N LYS A 295 1.30 -2.68 -2.65
CA LYS A 295 2.19 -3.20 -1.62
C LYS A 295 2.65 -2.02 -0.83
N CYS A 296 2.11 -1.88 0.37
CA CYS A 296 2.18 -0.65 1.12
C CYS A 296 2.75 -0.84 2.52
N PRO A 297 3.39 0.21 3.07
CA PRO A 297 3.61 0.25 4.52
C PRO A 297 2.26 0.19 5.24
N ARG A 298 2.22 -0.31 6.46
CA ARG A 298 0.95 -0.34 7.20
C ARG A 298 0.50 1.07 7.58
N TYR A 299 -0.77 1.38 7.38
CA TYR A 299 -1.31 2.67 7.84
C TYR A 299 -1.43 2.68 9.36
N VAL A 300 -0.94 3.74 9.97
CA VAL A 300 -1.11 3.99 11.40
C VAL A 300 -1.54 5.45 11.62
N LYS A 301 -2.13 5.70 12.79
CA LYS A 301 -2.65 7.02 13.19
C LYS A 301 -1.56 8.01 13.59
N GLN A 302 -0.43 7.52 14.10
CA GLN A 302 0.64 8.38 14.56
C GLN A 302 1.35 9.03 13.36
N GLU A 303 1.65 10.31 13.52
CA GLU A 303 2.42 11.07 12.55
C GLU A 303 3.88 10.63 12.55
N SER A 304 4.37 10.27 13.72
CA SER A 304 5.78 9.98 13.89
C SER A 304 6.03 8.99 15.02
N LEU A 305 6.97 8.09 14.80
CA LEU A 305 7.42 7.13 15.80
C LEU A 305 8.91 6.92 15.57
N MET A 306 9.71 7.57 16.40
CA MET A 306 11.16 7.57 16.21
C MET A 306 11.80 6.35 16.86
N LEU A 307 12.66 5.68 16.08
CA LEU A 307 13.41 4.54 16.54
C LEU A 307 14.85 4.95 16.88
N ALA A 308 15.25 4.73 18.12
CA ALA A 308 16.61 5.05 18.56
C ALA A 308 17.64 4.24 17.79
N THR A 309 18.69 4.91 17.33
CA THR A 309 19.80 4.24 16.66
C THR A 309 21.13 4.62 17.34
N GLY A 310 21.03 5.05 18.60
CA GLY A 310 22.20 5.36 19.39
C GLY A 310 21.87 5.29 20.86
N MET A 311 22.89 5.41 21.69
CA MET A 311 22.75 5.35 23.14
C MET A 311 22.03 6.59 23.66
N LYS A 312 21.70 6.58 24.95
CA LYS A 312 21.14 7.76 25.59
C LYS A 312 22.17 8.89 25.56
N ASN A 313 21.71 10.08 25.21
CA ASN A 313 22.58 11.24 25.13
C ASN A 313 22.70 11.90 26.49
N VAL A 314 23.92 11.94 27.03
CA VAL A 314 24.18 12.53 28.34
C VAL A 314 25.27 13.60 28.18
N PRO A 315 24.88 14.84 27.86
CA PRO A 315 25.84 15.92 27.73
C PRO A 315 26.19 16.48 29.10
N GLU A 316 27.31 17.21 29.17
CA GLU A 316 27.72 17.86 30.41
C GLU A 316 26.85 19.09 30.67
N GLY B 1 19.57 3.23 32.16
CA GLY B 1 19.80 1.83 31.65
C GLY B 1 19.76 0.79 32.75
N LEU B 2 19.79 -0.48 32.35
CA LEU B 2 19.79 -1.58 33.31
C LEU B 2 21.17 -1.84 33.91
N PHE B 3 22.23 -1.38 33.25
CA PHE B 3 23.58 -1.69 33.70
C PHE B 3 24.26 -0.54 34.42
N GLY B 4 23.56 0.59 34.58
CA GLY B 4 23.96 1.67 35.47
C GLY B 4 25.29 2.34 35.16
N ALA B 5 25.69 2.32 33.90
CA ALA B 5 26.97 2.91 33.48
C ALA B 5 26.68 4.22 32.78
N ILE B 6 26.02 4.13 31.62
CA ILE B 6 25.64 5.30 30.86
C ILE B 6 24.50 5.99 31.61
N ALA B 7 24.67 7.30 31.84
CA ALA B 7 23.76 8.05 32.70
C ALA B 7 23.70 7.41 34.09
N GLY B 8 24.77 6.72 34.46
CA GLY B 8 24.88 6.04 35.75
C GLY B 8 26.17 6.48 36.40
N PHE B 9 27.04 5.52 36.76
CA PHE B 9 28.26 5.86 37.50
C PHE B 9 29.24 6.69 36.65
N ILE B 10 29.19 6.54 35.33
CA ILE B 10 29.82 7.52 34.43
C ILE B 10 28.87 8.70 34.34
N GLU B 11 29.32 9.85 34.85
CA GLU B 11 28.46 11.01 35.06
C GLU B 11 27.92 11.62 33.76
N ASN B 12 28.73 11.59 32.70
CA ASN B 12 28.32 12.14 31.41
C ASN B 12 29.22 11.67 30.27
N GLY B 13 28.78 11.90 29.05
CA GLY B 13 29.51 11.48 27.85
C GLY B 13 30.47 12.56 27.39
N TRP B 14 31.27 12.23 26.39
CA TRP B 14 32.26 13.16 25.85
C TRP B 14 31.88 13.61 24.45
N GLU B 15 31.72 14.91 24.26
CA GLU B 15 31.46 15.47 22.93
C GLU B 15 32.71 15.35 22.05
N GLY B 16 33.89 15.50 22.67
CA GLY B 16 35.17 15.39 21.95
C GLY B 16 35.44 14.03 21.33
N LEU B 17 34.85 12.97 21.89
CA LEU B 17 34.98 11.63 21.32
C LEU B 17 34.15 11.53 20.03
N ILE B 18 34.80 11.87 18.91
CA ILE B 18 34.15 11.86 17.59
C ILE B 18 34.55 10.63 16.75
N ASP B 19 35.38 9.76 17.32
CA ASP B 19 36.03 8.66 16.60
C ASP B 19 35.32 7.33 16.85
N GLY B 20 34.49 7.26 17.87
CA GLY B 20 33.79 6.03 18.22
C GLY B 20 32.69 6.27 19.25
N TRP B 21 32.11 5.17 19.75
CA TRP B 21 31.01 5.26 20.70
C TRP B 21 31.50 5.17 22.14
N TYR B 22 32.45 4.28 22.37
CA TYR B 22 33.11 4.15 23.67
C TYR B 22 34.59 4.41 23.53
N GLY B 23 35.23 4.88 24.60
CA GLY B 23 36.62 5.25 24.52
C GLY B 23 37.34 5.37 25.85
N PHE B 24 38.65 5.62 25.74
CA PHE B 24 39.55 5.77 26.88
C PHE B 24 40.06 7.20 26.96
N ARG B 25 40.13 7.72 28.18
CA ARG B 25 40.75 9.01 28.47
C ARG B 25 41.72 8.80 29.63
N HIS B 26 43.00 9.08 29.40
CA HIS B 26 44.03 8.77 30.40
C HIS B 26 44.69 10.02 31.00
N GLN B 27 45.43 9.80 32.09
CA GLN B 27 46.14 10.85 32.79
C GLN B 27 47.46 10.30 33.33
N ASN B 28 48.58 10.75 32.76
CA ASN B 28 49.91 10.33 33.20
C ASN B 28 50.90 11.49 33.16
N ALA B 29 52.13 11.24 33.59
CA ALA B 29 53.19 12.27 33.59
C ALA B 29 53.35 12.95 32.23
N GLN B 30 53.04 12.24 31.15
CA GLN B 30 53.13 12.79 29.80
C GLN B 30 51.98 13.73 29.42
N GLY B 31 50.90 13.73 30.21
CA GLY B 31 49.74 14.61 29.97
C GLY B 31 48.45 13.81 29.86
N GLU B 32 47.45 14.39 29.19
CA GLU B 32 46.15 13.74 29.00
C GLU B 32 45.92 13.40 27.53
N GLY B 33 45.24 12.29 27.28
CA GLY B 33 44.90 11.86 25.91
C GLY B 33 43.61 11.06 25.87
N THR B 34 43.06 10.89 24.67
CA THR B 34 41.76 10.21 24.47
C THR B 34 41.76 9.33 23.22
N ALA B 35 41.06 8.19 23.27
CA ALA B 35 41.01 7.28 22.13
C ALA B 35 39.74 6.43 22.13
N ALA B 36 39.25 6.12 20.93
CA ALA B 36 38.04 5.31 20.76
C ALA B 36 38.35 3.81 20.80
N ASP B 37 37.45 3.03 21.41
CA ASP B 37 37.57 1.57 21.38
C ASP B 37 36.78 1.01 20.21
N TYR B 38 37.49 0.30 19.32
CA TYR B 38 36.90 -0.22 18.09
C TYR B 38 35.90 -1.36 18.37
N LYS B 39 36.29 -2.34 19.18
CA LYS B 39 35.47 -3.55 19.38
C LYS B 39 34.11 -3.24 20.02
N SER B 40 34.11 -2.46 21.09
CA SER B 40 32.88 -2.09 21.77
C SER B 40 31.97 -1.28 20.85
N THR B 41 32.53 -0.25 20.20
CA THR B 41 31.80 0.55 19.23
C THR B 41 31.16 -0.31 18.14
N GLN B 42 31.95 -1.22 17.58
CA GLN B 42 31.51 -2.07 16.48
C GLN B 42 30.37 -3.00 16.89
N SER B 43 30.49 -3.58 18.07
CA SER B 43 29.49 -4.51 18.60
C SER B 43 28.13 -3.82 18.77
N ALA B 44 28.14 -2.60 19.31
CA ALA B 44 26.90 -1.82 19.45
C ALA B 44 26.33 -1.41 18.09
N ILE B 45 27.20 -0.94 17.19
CA ILE B 45 26.76 -0.50 15.86
C ILE B 45 26.17 -1.66 15.03
N ASP B 46 26.82 -2.80 15.06
CA ASP B 46 26.33 -3.97 14.33
C ASP B 46 24.96 -4.44 14.84
N GLN B 47 24.74 -4.37 16.15
CA GLN B 47 23.46 -4.76 16.74
C GLN B 47 22.34 -3.79 16.39
N ILE B 48 22.62 -2.48 16.47
CA ILE B 48 21.65 -1.48 16.03
C ILE B 48 21.36 -1.64 14.53
N THR B 49 22.41 -1.85 13.75
CA THR B 49 22.27 -2.09 12.31
C THR B 49 21.34 -3.26 12.04
N GLY B 50 21.51 -4.35 12.80
CA GLY B 50 20.66 -5.53 12.64
C GLY B 50 19.19 -5.25 12.92
N LYS B 51 18.91 -4.40 13.89
CA LYS B 51 17.53 -4.00 14.16
C LYS B 51 16.88 -3.30 12.98
N LEU B 52 17.64 -2.41 12.34
CA LEU B 52 17.14 -1.63 11.21
C LEU B 52 16.87 -2.50 10.00
N ASN B 53 17.75 -3.48 9.76
CA ASN B 53 17.57 -4.40 8.66
C ASN B 53 16.28 -5.19 8.81
N ARG B 54 15.98 -5.62 10.04
CA ARG B 54 14.73 -6.29 10.33
C ARG B 54 13.52 -5.38 10.16
N LEU B 55 13.58 -4.17 10.72
CA LEU B 55 12.41 -3.30 10.80
C LEU B 55 12.12 -2.53 9.53
N ILE B 56 13.15 -2.00 8.89
CA ILE B 56 12.93 -1.14 7.73
C ILE B 56 12.70 -2.02 6.51
N GLU B 57 11.45 -2.47 6.39
CA GLU B 57 10.91 -3.03 5.15
C GLU B 57 9.39 -3.01 5.24
N LYS B 58 8.73 -3.18 4.09
CA LYS B 58 7.29 -3.41 4.01
C LYS B 58 7.07 -4.75 3.33
N THR B 59 5.86 -5.29 3.43
CA THR B 59 5.57 -6.64 2.94
C THR B 59 5.46 -6.69 1.43
N ASN B 60 5.63 -7.88 0.86
CA ASN B 60 5.31 -8.14 -0.54
C ASN B 60 3.83 -8.57 -0.69
N GLN B 61 3.02 -8.18 0.30
CA GLN B 61 1.61 -8.55 0.36
C GLN B 61 0.77 -7.48 -0.34
N GLN B 62 0.12 -7.88 -1.42
CA GLN B 62 -0.72 -6.96 -2.17
C GLN B 62 -2.14 -6.89 -1.63
N PHE B 63 -2.66 -5.67 -1.51
CA PHE B 63 -4.09 -5.44 -1.27
C PHE B 63 -4.72 -4.67 -2.45
N GLU B 64 -5.97 -5.00 -2.77
CA GLU B 64 -6.73 -4.32 -3.83
C GLU B 64 -7.82 -3.43 -3.20
N LEU B 65 -8.37 -2.55 -4.01
CA LEU B 65 -9.57 -1.79 -3.62
C LEU B 65 -10.74 -2.71 -3.32
N ILE B 66 -11.40 -2.49 -2.20
CA ILE B 66 -12.69 -3.13 -1.92
C ILE B 66 -13.83 -2.12 -1.78
N ASP B 67 -13.54 -0.83 -1.82
CA ASP B 67 -14.59 0.19 -1.94
C ASP B 67 -14.19 1.26 -2.95
N ASN B 68 -14.95 2.34 -2.97
CA ASN B 68 -14.95 3.23 -4.10
C ASN B 68 -15.22 4.66 -3.68
N GLU B 69 -14.37 5.53 -4.18
CA GLU B 69 -14.24 6.90 -3.76
C GLU B 69 -14.96 7.84 -4.71
N PHE B 70 -15.41 7.29 -5.83
CA PHE B 70 -16.06 8.07 -6.87
C PHE B 70 -17.55 7.81 -6.88
N THR B 71 -17.93 6.54 -6.79
CA THR B 71 -19.32 6.18 -6.62
C THR B 71 -19.44 5.17 -5.48
N GLU B 72 -20.08 5.63 -4.41
CA GLU B 72 -20.08 4.93 -3.13
C GLU B 72 -20.68 3.53 -3.22
N VAL B 73 -20.04 2.58 -2.56
CA VAL B 73 -20.63 1.25 -2.45
C VAL B 73 -21.85 1.30 -1.53
N GLU B 74 -22.65 0.25 -1.62
CA GLU B 74 -23.87 0.10 -0.81
C GLU B 74 -23.57 0.31 0.67
N LYS B 75 -24.51 0.91 1.39
CA LYS B 75 -24.22 1.43 2.72
C LYS B 75 -23.84 0.34 3.70
N GLN B 76 -24.59 -0.75 3.72
CA GLN B 76 -24.32 -1.81 4.69
C GLN B 76 -22.94 -2.42 4.49
N ILE B 77 -22.61 -2.82 3.26
CA ILE B 77 -21.29 -3.40 2.99
C ILE B 77 -20.21 -2.33 3.28
N GLY B 78 -20.47 -1.08 2.91
CA GLY B 78 -19.56 0.02 3.18
C GLY B 78 -19.23 0.21 4.64
N ASN B 79 -20.24 0.18 5.49
CA ASN B 79 -20.00 0.25 6.94
C ASN B 79 -19.21 -0.94 7.50
N VAL B 80 -19.45 -2.13 6.97
CA VAL B 80 -18.65 -3.29 7.40
C VAL B 80 -17.19 -3.11 7.03
N ILE B 81 -16.96 -2.64 5.80
CA ILE B 81 -15.61 -2.38 5.31
C ILE B 81 -14.89 -1.34 6.16
N ASN B 82 -15.56 -0.22 6.44
CA ASN B 82 -14.99 0.82 7.28
C ASN B 82 -14.71 0.36 8.70
N TRP B 83 -15.62 -0.41 9.28
CA TRP B 83 -15.42 -0.96 10.61
C TRP B 83 -14.18 -1.85 10.62
N THR B 84 -14.04 -2.68 9.59
CA THR B 84 -12.90 -3.59 9.49
C THR B 84 -11.59 -2.82 9.30
N ARG B 85 -11.59 -1.86 8.38
CA ARG B 85 -10.39 -1.06 8.19
C ARG B 85 -10.00 -0.28 9.46
N ASP B 86 -10.97 0.37 10.09
CA ASP B 86 -10.71 1.07 11.34
C ASP B 86 -10.13 0.14 12.41
N SER B 87 -10.63 -1.09 12.49
CA SER B 87 -10.11 -2.07 13.43
C SER B 87 -8.65 -2.41 13.15
N MET B 88 -8.34 -2.61 11.88
CA MET B 88 -6.97 -2.82 11.44
C MET B 88 -6.11 -1.62 11.76
N THR B 89 -6.57 -0.41 11.45
CA THR B 89 -5.82 0.80 11.84
C THR B 89 -5.50 0.78 13.33
N GLU B 90 -6.47 0.39 14.16
CA GLU B 90 -6.26 0.31 15.61
C GLU B 90 -5.20 -0.74 15.97
N VAL B 91 -5.26 -1.92 15.37
CA VAL B 91 -4.26 -2.95 15.63
C VAL B 91 -2.85 -2.51 15.23
N TRP B 92 -2.71 -1.97 14.03
CA TRP B 92 -1.39 -1.55 13.57
C TRP B 92 -0.80 -0.37 14.30
N SER B 93 -1.63 0.58 14.71
CA SER B 93 -1.14 1.75 15.45
C SER B 93 -0.62 1.31 16.81
N TYR B 94 -1.31 0.35 17.42
CA TYR B 94 -0.87 -0.26 18.67
C TYR B 94 0.43 -1.03 18.46
N ASN B 95 0.48 -1.90 17.45
CA ASN B 95 1.70 -2.65 17.15
C ASN B 95 2.92 -1.75 16.94
N ALA B 96 2.76 -0.70 16.15
CA ALA B 96 3.86 0.21 15.85
C ALA B 96 4.39 0.94 17.08
N GLU B 97 3.48 1.49 17.90
CA GLU B 97 3.84 2.16 19.14
C GLU B 97 4.61 1.22 20.07
N LEU B 98 4.09 0.01 20.23
CA LEU B 98 4.69 -0.98 21.12
C LEU B 98 6.03 -1.47 20.58
N LEU B 99 6.11 -1.73 19.27
CA LEU B 99 7.35 -2.14 18.63
C LEU B 99 8.44 -1.12 18.93
N VAL B 100 8.17 0.14 18.64
CA VAL B 100 9.17 1.18 18.75
C VAL B 100 9.59 1.44 20.23
N ALA B 101 8.63 1.49 21.13
CA ALA B 101 8.92 1.65 22.55
C ALA B 101 9.80 0.52 23.10
N MET B 102 9.47 -0.71 22.72
CA MET B 102 10.22 -1.89 23.16
C MET B 102 11.62 -1.92 22.56
N GLU B 103 11.75 -1.62 21.28
CA GLU B 103 13.04 -1.61 20.63
C GLU B 103 13.94 -0.56 21.26
N ASN B 104 13.35 0.60 21.58
CA ASN B 104 14.08 1.71 22.14
C ASN B 104 14.59 1.43 23.53
N GLN B 105 13.78 0.75 24.35
CA GLN B 105 14.22 0.33 25.66
C GLN B 105 15.41 -0.60 25.52
N HIS B 106 15.27 -1.58 24.64
CA HIS B 106 16.34 -2.55 24.44
C HIS B 106 17.60 -1.90 23.86
N THR B 107 17.41 -0.97 22.93
CA THR B 107 18.53 -0.28 22.28
C THR B 107 19.34 0.51 23.29
N ILE B 108 18.65 1.20 24.19
CA ILE B 108 19.29 2.00 25.22
C ILE B 108 20.04 1.12 26.21
N ASP B 109 19.44 -0.01 26.59
CA ASP B 109 20.07 -0.95 27.52
C ASP B 109 21.24 -1.68 26.87
N LEU B 110 21.13 -1.87 25.57
CA LEU B 110 22.18 -2.52 24.81
C LEU B 110 23.46 -1.70 24.82
N ALA B 111 23.32 -0.39 24.62
CA ALA B 111 24.46 0.51 24.64
C ALA B 111 25.08 0.61 26.05
N ASP B 112 24.23 0.62 27.07
CA ASP B 112 24.66 0.66 28.46
C ASP B 112 25.45 -0.60 28.82
N SER B 113 24.97 -1.74 28.31
CA SER B 113 25.61 -3.02 28.51
C SER B 113 27.00 -3.06 27.90
N GLU B 114 27.13 -2.59 26.67
CA GLU B 114 28.43 -2.59 25.98
C GLU B 114 29.48 -1.74 26.70
N MET B 115 29.03 -0.65 27.33
CA MET B 115 29.91 0.22 28.13
C MET B 115 30.37 -0.51 29.37
N ASN B 116 29.41 -1.09 30.10
CA ASN B 116 29.71 -1.86 31.31
C ASN B 116 30.72 -2.99 31.04
N LYS B 117 30.54 -3.69 29.92
CA LYS B 117 31.42 -4.79 29.53
C LYS B 117 32.85 -4.32 29.31
N LEU B 118 33.02 -3.22 28.59
CA LEU B 118 34.32 -2.62 28.37
C LEU B 118 34.98 -2.27 29.71
N TYR B 119 34.22 -1.59 30.56
CA TYR B 119 34.67 -1.26 31.91
C TYR B 119 35.19 -2.50 32.65
N GLU B 120 34.41 -3.57 32.64
CA GLU B 120 34.79 -4.80 33.34
C GLU B 120 36.01 -5.49 32.70
N ARG B 121 36.14 -5.41 31.39
CA ARG B 121 37.29 -5.99 30.69
C ARG B 121 38.59 -5.35 31.17
N VAL B 122 38.58 -4.02 31.25
CA VAL B 122 39.74 -3.27 31.71
C VAL B 122 40.06 -3.61 33.17
N LYS B 123 39.03 -3.61 34.02
CA LYS B 123 39.18 -3.99 35.42
C LYS B 123 39.92 -5.31 35.56
N ARG B 124 39.48 -6.31 34.81
CA ARG B 124 40.11 -7.63 34.88
C ARG B 124 41.55 -7.64 34.35
N GLN B 125 41.83 -6.81 33.36
CA GLN B 125 43.20 -6.65 32.84
C GLN B 125 44.16 -6.16 33.92
N LEU B 126 43.68 -5.24 34.75
CA LEU B 126 44.52 -4.50 35.69
C LEU B 126 44.80 -5.21 37.02
N ARG B 127 43.94 -6.16 37.41
CA ARG B 127 44.20 -7.00 38.58
C ARG B 127 44.37 -6.20 39.89
N GLU B 128 45.55 -6.30 40.51
CA GLU B 128 45.83 -5.61 41.78
C GLU B 128 46.65 -4.35 41.52
N ASN B 129 46.90 -4.05 40.24
CA ASN B 129 47.72 -2.91 39.86
C ASN B 129 46.96 -1.59 39.84
N ALA B 130 45.62 -1.68 39.94
CA ALA B 130 44.78 -0.49 39.95
C ALA B 130 43.62 -0.65 40.93
N GLU B 131 42.90 0.44 41.15
CA GLU B 131 41.69 0.42 41.96
C GLU B 131 40.61 1.28 41.31
N GLU B 132 39.35 0.87 41.46
CA GLU B 132 38.23 1.63 40.91
C GLU B 132 38.03 2.94 41.65
N ASP B 133 37.87 4.01 40.88
CA ASP B 133 37.53 5.32 41.41
C ASP B 133 36.04 5.37 41.79
N GLY B 134 35.18 4.94 40.86
CA GLY B 134 33.73 4.99 41.07
C GLY B 134 33.03 5.90 40.08
N THR B 135 33.81 6.73 39.38
CA THR B 135 33.30 7.65 38.38
C THR B 135 33.60 7.12 36.97
N GLY B 136 33.96 5.84 36.89
CA GLY B 136 34.34 5.21 35.62
C GLY B 136 35.83 5.36 35.35
N CYS B 137 36.64 5.35 36.40
CA CYS B 137 38.08 5.57 36.29
C CYS B 137 38.89 4.58 37.12
N PHE B 138 40.05 4.21 36.59
CA PHE B 138 40.95 3.29 37.28
C PHE B 138 42.23 4.01 37.69
N GLU B 139 42.41 4.21 38.99
CA GLU B 139 43.66 4.76 39.52
C GLU B 139 44.74 3.69 39.51
N ILE B 140 45.81 3.95 38.75
CA ILE B 140 46.94 3.03 38.63
C ILE B 140 48.07 3.52 39.55
N PHE B 141 48.60 2.63 40.39
CA PHE B 141 49.62 3.00 41.38
C PHE B 141 51.03 3.16 40.81
N HIS B 142 51.41 2.27 39.90
CA HIS B 142 52.72 2.34 39.25
C HIS B 142 52.70 3.38 38.12
N LYS B 143 53.89 3.75 37.64
CA LYS B 143 54.01 4.71 36.54
C LYS B 143 53.58 4.03 35.24
N CYS B 144 52.71 4.70 34.48
CA CYS B 144 52.15 4.14 33.24
C CYS B 144 52.25 5.17 32.12
N ASP B 145 53.20 4.97 31.21
CA ASP B 145 53.44 5.90 30.11
C ASP B 145 52.58 5.53 28.88
N ASP B 146 52.73 6.27 27.80
CA ASP B 146 51.86 6.12 26.64
C ASP B 146 51.91 4.73 25.98
N ASP B 147 53.00 4.00 26.14
CA ASP B 147 53.05 2.59 25.74
C ASP B 147 52.20 1.75 26.67
N CYS B 148 52.41 1.96 27.96
CA CYS B 148 51.62 1.31 29.01
C CYS B 148 50.11 1.57 28.84
N MET B 149 49.76 2.80 28.48
CA MET B 149 48.37 3.14 28.19
C MET B 149 47.90 2.45 26.91
N ALA B 150 48.71 2.51 25.85
CA ALA B 150 48.38 1.87 24.58
C ALA B 150 48.20 0.36 24.71
N SER B 151 49.00 -0.25 25.59
CA SER B 151 48.90 -1.68 25.87
C SER B 151 47.57 -2.01 26.56
N ILE B 152 47.12 -1.14 27.46
CA ILE B 152 45.82 -1.30 28.10
C ILE B 152 44.70 -1.27 27.05
N ARG B 153 44.76 -0.28 26.14
CA ARG B 153 43.76 -0.13 25.07
C ARG B 153 43.76 -1.30 24.10
N ASN B 154 44.95 -1.72 23.66
CA ASN B 154 45.11 -2.84 22.73
C ASN B 154 44.99 -4.21 23.40
N ASN B 155 44.76 -4.24 24.71
CA ASN B 155 44.63 -5.49 25.47
C ASN B 155 45.90 -6.35 25.42
N THR B 156 47.06 -5.71 25.37
CA THR B 156 48.36 -6.40 25.37
C THR B 156 49.11 -6.12 26.68
N TYR B 157 48.39 -5.60 27.67
CA TYR B 157 48.98 -5.17 28.93
C TYR B 157 49.30 -6.37 29.81
N ASP B 158 50.53 -6.40 30.32
CA ASP B 158 51.02 -7.47 31.20
C ASP B 158 51.06 -6.97 32.64
N HIS B 159 50.09 -7.40 33.45
CA HIS B 159 49.96 -6.94 34.82
C HIS B 159 51.12 -7.41 35.70
N SER B 160 51.66 -8.59 35.41
CA SER B 160 52.73 -9.18 36.21
C SER B 160 54.00 -8.33 36.20
N ARG B 161 54.25 -7.63 35.09
CA ARG B 161 55.44 -6.78 34.96
C ARG B 161 55.48 -5.68 36.02
N TYR B 162 54.35 -5.01 36.22
CA TYR B 162 54.28 -3.87 37.13
C TYR B 162 53.67 -4.25 38.48
N ARG B 163 53.41 -5.56 38.66
CA ARG B 163 52.73 -6.04 39.86
C ARG B 163 53.47 -5.69 41.14
N GLU B 164 54.76 -6.05 41.21
CA GLU B 164 55.57 -5.76 42.40
C GLU B 164 55.44 -4.30 42.84
N GLU B 165 55.53 -3.36 41.90
CA GLU B 165 55.53 -1.93 42.22
C GLU B 165 54.19 -1.48 42.80
N ALA B 166 53.12 -1.73 42.04
CA ALA B 166 51.77 -1.30 42.44
C ALA B 166 51.32 -1.97 43.72
N MET B 167 51.63 -3.26 43.87
CA MET B 167 51.40 -3.99 45.12
C MET B 167 52.03 -3.31 46.31
N GLN B 168 53.27 -2.83 46.16
CA GLN B 168 53.97 -2.12 47.22
C GLN B 168 53.41 -0.71 47.39
N ASN B 169 53.06 -0.09 46.26
CA ASN B 169 52.59 1.29 46.23
C ASN B 169 51.13 1.43 46.69
N ARG B 170 50.48 0.31 47.02
CA ARG B 170 49.13 0.34 47.62
C ARG B 170 49.04 1.30 48.79
#